data_5MMN
#
_entry.id   5MMN
#
_cell.length_a   71.520
_cell.length_b   71.520
_cell.length_c   78.950
_cell.angle_alpha   90.00
_cell.angle_beta   90.00
_cell.angle_gamma   120.00
#
_symmetry.space_group_name_H-M   'P 31 2 1'
#
loop_
_entity.id
_entity.type
_entity.pdbx_description
1 polymer 'DNA gyrase subunit B'
2 non-polymer 1-ethyl-3-[8-methyl-5-(2-methylpyridin-4-yl)isoquinolin-3-yl]urea
3 water water
#
_entity_poly.entity_id   1
_entity_poly.type   'polypeptide(L)'
_entity_poly.pdbx_seq_one_letter_code
;MRGSHHHHHHGIDHMSNSYDSSSIKVLKGLDAVRKRPGMYIGDTDDGTGLHHMVFEVVDNAIDEALAGHCKEIIVTIHAD
NSVSVQDDGRGIPTGIHPEEGVSAAEVIMTVLHAGGKFDDNSYKVSGGLHGVGVSVVNALSQKLELVIQREGKIHRQIYE
HGVPQAPLAVTGETEKTGTMVRFWPSLETFTNVTEFEYEILAKRLRELSFLNSGVSIRLRDKRDGKEDHFHYEG
;
_entity_poly.pdbx_strand_id   A
#
# COMPACT_ATOMS: atom_id res chain seq x y z
N SER A 21 -7.66 -13.90 -22.16
CA SER A 21 -6.37 -13.81 -21.42
C SER A 21 -6.51 -13.08 -20.08
N SER A 22 -5.49 -13.26 -19.25
CA SER A 22 -5.44 -12.62 -17.93
C SER A 22 -5.38 -11.12 -18.09
N SER A 23 -4.65 -10.66 -19.10
CA SER A 23 -4.53 -9.22 -19.40
C SER A 23 -5.86 -8.54 -19.54
N ILE A 24 -6.75 -9.11 -20.37
CA ILE A 24 -8.08 -8.53 -20.58
C ILE A 24 -8.92 -8.58 -19.32
N LYS A 25 -8.82 -9.70 -18.60
CA LYS A 25 -9.57 -9.90 -17.36
C LYS A 25 -9.01 -8.97 -16.27
N VAL A 26 -7.69 -8.85 -16.19
CA VAL A 26 -7.06 -7.93 -15.21
C VAL A 26 -7.53 -6.52 -15.46
N LEU A 27 -7.48 -6.10 -16.71
CA LEU A 27 -7.99 -4.77 -17.06
C LEU A 27 -9.48 -4.58 -16.78
N LYS A 28 -10.26 -5.62 -16.98
CA LYS A 28 -11.68 -5.54 -16.67
C LYS A 28 -11.85 -5.30 -15.15
N GLY A 29 -11.11 -6.01 -14.33
CA GLY A 29 -11.17 -5.78 -12.87
C GLY A 29 -10.76 -4.37 -12.47
N LEU A 30 -9.64 -3.91 -13.01
CA LEU A 30 -9.15 -2.60 -12.68
C LEU A 30 -10.16 -1.54 -13.10
N ASP A 31 -10.83 -1.75 -14.24
CA ASP A 31 -11.80 -0.79 -14.74
C ASP A 31 -13.04 -0.74 -13.84
N ALA A 32 -13.49 -1.91 -13.34
CA ALA A 32 -14.59 -1.98 -12.36
C ALA A 32 -14.35 -1.10 -11.11
N VAL A 33 -13.12 -1.16 -10.61
CA VAL A 33 -12.75 -0.36 -9.43
C VAL A 33 -12.79 1.09 -9.79
N ARG A 34 -12.17 1.46 -10.90
CA ARG A 34 -12.10 2.87 -11.23
C ARG A 34 -13.51 3.48 -11.48
N LYS A 35 -14.44 2.67 -11.99
CA LYS A 35 -15.81 3.15 -12.29
C LYS A 35 -16.67 3.30 -11.06
N ARG A 36 -16.46 2.49 -10.04
CA ARG A 36 -17.18 2.68 -8.75
C ARG A 36 -16.21 2.63 -7.58
N PRO A 37 -15.35 3.64 -7.48
CA PRO A 37 -14.25 3.58 -6.50
C PRO A 37 -14.74 3.58 -5.05
N GLY A 38 -15.81 4.32 -4.77
CA GLY A 38 -16.40 4.41 -3.44
C GLY A 38 -16.74 3.09 -2.82
N MET A 39 -17.27 2.22 -3.66
CA MET A 39 -17.69 0.89 -3.25
C MET A 39 -16.54 0.03 -2.74
N TYR A 40 -15.38 0.21 -3.34
CA TYR A 40 -14.19 -0.54 -2.98
C TYR A 40 -13.36 0.09 -1.87
N ILE A 41 -13.04 1.38 -2.00
CA ILE A 41 -12.04 2.01 -1.12
C ILE A 41 -12.70 2.92 -0.05
N GLY A 42 -13.96 3.26 -0.22
CA GLY A 42 -14.64 4.21 0.65
C GLY A 42 -14.82 5.55 -0.02
N ASP A 43 -15.48 6.47 0.67
CA ASP A 43 -15.92 7.72 0.04
C ASP A 43 -14.71 8.51 -0.54
N THR A 44 -14.82 8.92 -1.80
CA THR A 44 -13.76 9.57 -2.55
C THR A 44 -13.75 11.10 -2.48
N ASP A 45 -14.72 11.65 -1.74
CA ASP A 45 -14.89 13.09 -1.61
C ASP A 45 -14.67 13.65 -0.22
N ASP A 46 -14.57 12.80 0.82
CA ASP A 46 -14.39 13.30 2.16
C ASP A 46 -13.10 12.86 2.86
N GLY A 47 -12.18 12.28 2.09
CA GLY A 47 -10.94 11.76 2.64
C GLY A 47 -10.96 10.34 3.14
N THR A 48 -12.13 9.71 3.24
CA THR A 48 -12.24 8.34 3.78
C THR A 48 -11.44 7.40 2.91
N GLY A 49 -11.80 7.34 1.64
CA GLY A 49 -11.13 6.54 0.66
C GLY A 49 -9.63 6.82 0.57
N LEU A 50 -9.29 8.10 0.48
CA LEU A 50 -7.89 8.54 0.31
C LEU A 50 -7.04 7.94 1.43
N HIS A 51 -7.48 8.07 2.66
CA HIS A 51 -6.65 7.59 3.74
C HIS A 51 -6.73 6.08 3.89
N HIS A 52 -7.87 5.51 3.52
CA HIS A 52 -7.98 4.06 3.47
C HIS A 52 -6.96 3.40 2.52
N MET A 53 -6.57 4.11 1.49
CA MET A 53 -5.52 3.66 0.58
C MET A 53 -4.24 3.34 1.40
N VAL A 54 -3.84 4.24 2.29
CA VAL A 54 -2.66 4.01 3.12
C VAL A 54 -2.91 2.78 4.01
N PHE A 55 -4.07 2.72 4.66
CA PHE A 55 -4.32 1.66 5.62
C PHE A 55 -4.40 0.26 5.00
N GLU A 56 -4.88 0.15 3.79
CA GLU A 56 -4.83 -1.13 3.07
C GLU A 56 -3.40 -1.60 2.84
N VAL A 57 -2.54 -0.68 2.44
CA VAL A 57 -1.15 -1.07 2.24
C VAL A 57 -0.53 -1.47 3.55
N VAL A 58 -0.74 -0.64 4.56
CA VAL A 58 -0.26 -0.97 5.88
C VAL A 58 -0.75 -2.33 6.40
N ASP A 59 -2.01 -2.68 6.15
CA ASP A 59 -2.56 -3.91 6.69
C ASP A 59 -1.75 -5.15 6.33
N ASN A 60 -1.24 -5.25 5.10
CA ASN A 60 -0.48 -6.44 4.72
C ASN A 60 0.91 -6.53 5.40
N ALA A 61 1.52 -5.36 5.61
CA ALA A 61 2.75 -5.25 6.43
C ALA A 61 2.46 -5.64 7.88
N ILE A 62 1.29 -5.27 8.40
CA ILE A 62 0.86 -5.71 9.74
C ILE A 62 0.72 -7.22 9.84
N ASP A 63 0.15 -7.86 8.84
CA ASP A 63 0.03 -9.33 8.85
C ASP A 63 1.43 -9.98 8.88
N GLU A 64 2.35 -9.41 8.12
CA GLU A 64 3.73 -9.89 8.09
C GLU A 64 4.38 -9.69 9.48
N ALA A 65 4.08 -8.58 10.15
CA ALA A 65 4.54 -8.36 11.55
C ALA A 65 3.96 -9.31 12.54
N LEU A 66 2.66 -9.51 12.45
CA LEU A 66 1.95 -10.42 13.34
C LEU A 66 2.42 -11.87 13.20
N ALA A 67 2.82 -12.27 11.99
CA ALA A 67 3.37 -13.64 11.80
C ALA A 67 4.83 -13.74 12.25
N GLY A 68 5.41 -12.65 12.76
CA GLY A 68 6.73 -12.71 13.38
C GLY A 68 7.92 -12.43 12.47
N HIS A 69 7.68 -11.81 11.30
CA HIS A 69 8.74 -11.58 10.30
C HIS A 69 9.17 -10.13 10.14
N CYS A 70 8.34 -9.22 10.58
CA CYS A 70 8.59 -7.82 10.38
C CYS A 70 8.53 -7.18 11.76
N LYS A 71 9.52 -6.36 12.05
CA LYS A 71 9.60 -5.66 13.32
C LYS A 71 9.19 -4.20 13.20
N GLU A 72 9.41 -3.59 12.04
CA GLU A 72 9.07 -2.16 11.87
C GLU A 72 8.46 -1.84 10.54
N ILE A 73 7.50 -0.93 10.59
CA ILE A 73 6.81 -0.44 9.41
C ILE A 73 7.06 1.05 9.40
N ILE A 74 7.37 1.60 8.23
CA ILE A 74 7.57 3.04 8.11
C ILE A 74 6.69 3.63 7.05
N VAL A 75 5.87 4.59 7.47
CA VAL A 75 4.94 5.25 6.61
C VAL A 75 5.46 6.69 6.39
N THR A 76 5.72 7.04 5.14
CA THR A 76 6.26 8.36 4.79
C THR A 76 5.31 9.14 3.87
N ILE A 77 4.95 10.37 4.24
CA ILE A 77 4.13 11.20 3.37
C ILE A 77 5.13 12.11 2.63
N HIS A 78 5.17 12.02 1.30
CA HIS A 78 6.16 12.78 0.52
C HIS A 78 5.61 14.13 0.08
N ALA A 79 6.50 15.02 -0.29
CA ALA A 79 6.14 16.36 -0.64
C ALA A 79 5.31 16.42 -1.93
N ASP A 80 5.38 15.37 -2.75
CA ASP A 80 4.55 15.31 -3.97
C ASP A 80 3.17 14.63 -3.75
N ASN A 81 2.76 14.50 -2.49
N ASN A 81 2.76 14.51 -2.48
CA ASN A 81 1.47 13.87 -2.08
CA ASN A 81 1.48 13.89 -2.08
C ASN A 81 1.37 12.39 -2.27
C ASN A 81 1.35 12.45 -2.57
N SER A 82 2.48 11.74 -2.56
CA SER A 82 2.49 10.29 -2.54
C SER A 82 2.74 9.85 -1.10
N VAL A 83 2.51 8.56 -0.86
CA VAL A 83 2.83 7.92 0.39
C VAL A 83 3.57 6.64 0.14
N SER A 84 4.63 6.39 0.92
N SER A 84 4.63 6.42 0.93
CA SER A 84 5.27 5.10 0.88
CA SER A 84 5.39 5.18 0.95
C SER A 84 5.05 4.38 2.20
C SER A 84 5.01 4.39 2.21
N VAL A 85 4.96 3.08 2.09
CA VAL A 85 4.89 2.20 3.26
C VAL A 85 5.99 1.20 3.04
N GLN A 86 6.86 1.03 4.03
CA GLN A 86 7.94 0.03 3.92
C GLN A 86 7.97 -0.84 5.12
N ASP A 87 8.29 -2.12 4.92
CA ASP A 87 8.53 -3.01 6.01
C ASP A 87 9.86 -3.75 5.86
N ASP A 88 10.25 -4.37 6.96
CA ASP A 88 11.49 -5.15 7.05
C ASP A 88 11.22 -6.65 7.13
N GLY A 89 10.15 -7.08 6.44
CA GLY A 89 9.71 -8.46 6.49
C GLY A 89 10.41 -9.28 5.44
N ARG A 90 9.75 -10.34 4.99
CA ARG A 90 10.39 -11.32 4.13
C ARG A 90 10.44 -10.89 2.66
N GLY A 91 9.64 -9.89 2.30
CA GLY A 91 9.43 -9.50 0.91
C GLY A 91 8.34 -10.33 0.26
N ILE A 92 7.42 -9.66 -0.45
CA ILE A 92 6.42 -10.34 -1.30
C ILE A 92 7.13 -11.37 -2.24
N PRO A 93 6.61 -12.61 -2.34
CA PRO A 93 7.26 -13.56 -3.23
C PRO A 93 7.36 -13.07 -4.66
N THR A 94 8.46 -13.42 -5.31
CA THR A 94 8.79 -12.90 -6.63
C THR A 94 8.67 -13.93 -7.76
N GLY A 95 8.78 -15.21 -7.46
CA GLY A 95 8.78 -16.25 -8.53
C GLY A 95 7.49 -16.27 -9.32
N ILE A 96 7.54 -16.80 -10.54
CA ILE A 96 6.36 -16.95 -11.41
C ILE A 96 5.68 -18.28 -11.10
N HIS A 97 4.44 -18.26 -10.59
CA HIS A 97 3.70 -19.53 -10.38
C HIS A 97 3.16 -20.05 -11.74
N PRO A 98 3.28 -21.38 -12.00
CA PRO A 98 2.99 -21.92 -13.34
C PRO A 98 1.63 -21.54 -13.94
N GLU A 99 0.62 -21.39 -13.08
CA GLU A 99 -0.74 -21.05 -13.53
C GLU A 99 -0.87 -19.61 -14.11
N GLU A 100 -0.16 -18.63 -13.57
CA GLU A 100 -0.37 -17.22 -13.98
C GLU A 100 0.60 -16.62 -15.04
N GLY A 101 1.82 -17.14 -15.13
CA GLY A 101 2.80 -16.66 -16.13
C GLY A 101 3.43 -15.27 -15.90
N VAL A 102 3.26 -14.73 -14.69
CA VAL A 102 3.97 -13.53 -14.23
C VAL A 102 4.29 -13.70 -12.74
N SER A 103 5.05 -12.78 -12.18
CA SER A 103 5.46 -12.93 -10.79
C SER A 103 4.24 -12.98 -9.87
N ALA A 104 4.36 -13.74 -8.78
CA ALA A 104 3.35 -13.76 -7.74
C ALA A 104 3.07 -12.34 -7.23
N ALA A 105 4.12 -11.51 -7.12
CA ALA A 105 3.95 -10.13 -6.71
C ALA A 105 3.00 -9.37 -7.65
N GLU A 106 3.19 -9.52 -8.96
CA GLU A 106 2.35 -8.81 -9.88
C GLU A 106 0.88 -9.29 -9.79
N VAL A 107 0.70 -10.59 -9.59
CA VAL A 107 -0.64 -11.14 -9.35
C VAL A 107 -1.29 -10.46 -8.15
N ILE A 108 -0.54 -10.37 -7.06
CA ILE A 108 -1.02 -9.77 -5.81
C ILE A 108 -1.40 -8.31 -6.08
N MET A 109 -0.58 -7.60 -6.84
CA MET A 109 -0.78 -6.20 -7.06
C MET A 109 -1.90 -5.87 -8.03
N THR A 110 -2.25 -6.80 -8.91
CA THR A 110 -3.18 -6.51 -10.01
C THR A 110 -4.51 -7.29 -10.04
N VAL A 111 -4.59 -8.44 -9.40
CA VAL A 111 -5.82 -9.21 -9.46
C VAL A 111 -6.76 -8.85 -8.29
N LEU A 112 -8.04 -8.68 -8.58
CA LEU A 112 -9.02 -8.29 -7.57
C LEU A 112 -9.33 -9.43 -6.58
N ASN A 121 -18.41 -0.45 0.71
CA ASN A 121 -17.65 0.56 1.48
C ASN A 121 -18.12 2.01 1.23
N SER A 122 -19.08 2.18 0.32
CA SER A 122 -19.53 3.49 -0.16
C SER A 122 -19.85 4.46 1.00
N TYR A 123 -20.69 4.02 1.93
CA TYR A 123 -21.11 4.86 3.07
C TYR A 123 -20.49 4.47 4.43
N LYS A 124 -19.44 3.66 4.41
CA LYS A 124 -18.76 3.32 5.65
C LYS A 124 -17.97 4.50 6.21
N VAL A 125 -17.89 4.54 7.53
CA VAL A 125 -17.10 5.54 8.23
C VAL A 125 -15.90 4.98 8.98
N SER A 126 -14.72 5.53 8.68
CA SER A 126 -13.48 5.30 9.43
C SER A 126 -13.18 3.80 9.66
N GLY A 127 -13.23 3.32 10.91
CA GLY A 127 -12.95 1.90 11.22
C GLY A 127 -14.02 0.89 10.79
N GLY A 128 -15.20 1.37 10.36
CA GLY A 128 -16.21 0.52 9.75
C GLY A 128 -15.96 0.03 8.32
N LEU A 129 -14.90 0.51 7.65
CA LEU A 129 -14.57 0.00 6.31
C LEU A 129 -14.05 -1.43 6.37
N HIS A 130 -14.40 -2.28 5.40
CA HIS A 130 -13.70 -3.58 5.32
C HIS A 130 -12.56 -3.55 4.31
N GLY A 131 -11.59 -4.44 4.54
CA GLY A 131 -10.37 -4.52 3.74
C GLY A 131 -10.67 -5.09 2.36
N VAL A 132 -10.07 -4.50 1.33
CA VAL A 132 -10.35 -4.87 -0.06
C VAL A 132 -9.14 -5.27 -0.88
N GLY A 133 -7.93 -5.10 -0.36
CA GLY A 133 -6.76 -5.56 -1.08
C GLY A 133 -6.01 -4.47 -1.83
N VAL A 134 -4.71 -4.68 -1.97
CA VAL A 134 -3.85 -3.64 -2.55
C VAL A 134 -4.02 -3.45 -4.06
N SER A 135 -4.66 -4.38 -4.74
CA SER A 135 -4.95 -4.19 -6.16
C SER A 135 -5.95 -3.04 -6.41
N VAL A 136 -6.80 -2.78 -5.42
CA VAL A 136 -7.69 -1.62 -5.44
C VAL A 136 -6.88 -0.35 -5.30
N VAL A 137 -5.91 -0.35 -4.40
CA VAL A 137 -5.04 0.81 -4.21
C VAL A 137 -4.31 1.09 -5.53
N ASN A 138 -3.83 0.02 -6.15
CA ASN A 138 -3.13 0.12 -7.42
C ASN A 138 -4.03 0.70 -8.50
N ALA A 139 -5.28 0.24 -8.59
CA ALA A 139 -6.18 0.71 -9.64
C ALA A 139 -6.46 2.20 -9.54
N LEU A 140 -6.48 2.69 -8.32
CA LEU A 140 -6.87 4.06 -8.03
C LEU A 140 -5.67 5.02 -7.84
N SER A 141 -4.49 4.52 -8.19
CA SER A 141 -3.26 5.27 -8.17
C SER A 141 -2.79 5.58 -9.61
N GLN A 142 -2.50 6.85 -9.84
CA GLN A 142 -1.88 7.34 -11.08
C GLN A 142 -0.58 6.62 -11.31
N LYS A 143 0.14 6.38 -10.23
CA LYS A 143 1.37 5.64 -10.27
C LYS A 143 1.56 4.86 -9.01
N LEU A 144 2.18 3.68 -9.13
CA LEU A 144 2.54 2.92 -7.95
C LEU A 144 3.87 2.23 -8.20
N GLU A 145 4.74 2.26 -7.20
CA GLU A 145 6.02 1.54 -7.28
C GLU A 145 6.14 0.50 -6.19
N LEU A 146 6.48 -0.72 -6.59
CA LEU A 146 6.78 -1.80 -5.69
C LEU A 146 8.25 -2.18 -5.73
N VAL A 147 8.86 -2.22 -4.56
CA VAL A 147 10.26 -2.60 -4.43
C VAL A 147 10.31 -3.70 -3.39
N ILE A 148 10.79 -4.88 -3.80
CA ILE A 148 10.97 -6.02 -2.92
C ILE A 148 12.45 -6.37 -2.74
N GLN A 149 12.88 -6.48 -1.49
CA GLN A 149 14.20 -6.99 -1.16
C GLN A 149 13.99 -8.42 -0.64
N ARG A 150 14.52 -9.40 -1.36
CA ARG A 150 14.25 -10.82 -1.11
C ARG A 150 15.24 -11.75 -1.79
N GLU A 151 15.75 -12.74 -1.06
CA GLU A 151 16.62 -13.77 -1.63
C GLU A 151 17.84 -13.15 -2.33
N GLY A 152 18.36 -12.10 -1.71
CA GLY A 152 19.66 -11.53 -2.08
C GLY A 152 19.57 -10.42 -3.11
N LYS A 153 18.35 -10.13 -3.57
CA LYS A 153 18.13 -9.27 -4.72
C LYS A 153 17.09 -8.19 -4.46
N ILE A 154 17.28 -7.05 -5.12
CA ILE A 154 16.31 -5.96 -5.15
C ILE A 154 15.50 -6.10 -6.42
N HIS A 155 14.18 -6.15 -6.26
CA HIS A 155 13.24 -6.29 -7.36
C HIS A 155 12.35 -5.06 -7.46
N ARG A 156 12.04 -4.63 -8.68
CA ARG A 156 11.23 -3.42 -8.92
C ARG A 156 10.10 -3.65 -9.94
N GLN A 157 8.92 -3.10 -9.66
CA GLN A 157 7.85 -2.99 -10.68
C GLN A 157 7.10 -1.71 -10.51
N ILE A 158 6.79 -1.08 -11.63
CA ILE A 158 6.06 0.21 -11.67
C ILE A 158 4.75 0.01 -12.38
N TYR A 159 3.71 0.70 -11.89
CA TYR A 159 2.33 0.60 -12.44
C TYR A 159 1.77 2.00 -12.66
N GLU A 160 0.86 2.07 -13.63
CA GLU A 160 0.08 3.24 -13.92
C GLU A 160 -1.40 2.79 -13.94
N HIS A 161 -2.21 3.17 -12.93
CA HIS A 161 -3.58 2.64 -12.73
C HIS A 161 -3.66 1.13 -12.79
N GLY A 162 -2.66 0.47 -12.22
CA GLY A 162 -2.65 -0.99 -12.19
C GLY A 162 -1.93 -1.68 -13.33
N VAL A 163 -1.58 -0.93 -14.38
CA VAL A 163 -0.99 -1.51 -15.58
C VAL A 163 0.51 -1.49 -15.38
N PRO A 164 1.13 -2.68 -15.32
CA PRO A 164 2.59 -2.71 -15.15
C PRO A 164 3.30 -2.08 -16.35
N GLN A 165 4.43 -1.43 -16.10
CA GLN A 165 5.24 -0.92 -17.19
C GLN A 165 6.03 -2.03 -17.83
N ALA A 166 6.50 -2.94 -17.00
CA ALA A 166 7.28 -4.08 -17.43
C ALA A 166 7.12 -5.12 -16.35
N PRO A 167 7.50 -6.39 -16.64
CA PRO A 167 7.63 -7.47 -15.65
C PRO A 167 8.53 -7.09 -14.48
N LEU A 168 8.18 -7.57 -13.30
CA LEU A 168 9.01 -7.45 -12.11
C LEU A 168 10.43 -7.83 -12.49
N ALA A 169 11.41 -7.02 -12.11
CA ALA A 169 12.80 -7.34 -12.52
C ALA A 169 13.80 -7.01 -11.43
N VAL A 170 14.96 -7.62 -11.56
CA VAL A 170 16.06 -7.45 -10.63
C VAL A 170 16.91 -6.22 -10.98
N THR A 171 17.04 -5.33 -10.00
CA THR A 171 17.73 -4.05 -10.18
C THR A 171 18.99 -3.88 -9.30
N GLY A 172 19.23 -4.84 -8.42
CA GLY A 172 20.44 -4.84 -7.61
C GLY A 172 20.49 -6.02 -6.66
N GLU A 173 21.50 -6.02 -5.81
CA GLU A 173 21.75 -7.06 -4.83
C GLU A 173 21.64 -6.45 -3.45
N THR A 174 21.22 -7.24 -2.46
CA THR A 174 21.10 -6.74 -1.11
C THR A 174 21.09 -7.88 -0.12
N GLU A 175 21.64 -7.64 1.06
CA GLU A 175 21.52 -8.59 2.15
C GLU A 175 20.20 -8.34 2.93
N LYS A 176 19.55 -7.20 2.69
CA LYS A 176 18.32 -6.89 3.45
C LYS A 176 17.04 -7.55 2.84
N THR A 177 16.00 -7.59 3.63
CA THR A 177 14.72 -8.08 3.14
C THR A 177 13.58 -7.16 3.56
N GLY A 178 12.57 -7.05 2.72
CA GLY A 178 11.42 -6.26 3.01
C GLY A 178 10.67 -5.85 1.77
N THR A 179 9.56 -5.16 1.99
CA THR A 179 8.70 -4.70 0.92
C THR A 179 8.41 -3.22 1.13
N MET A 180 8.33 -2.52 0.00
CA MET A 180 8.00 -1.11 -0.02
C MET A 180 7.05 -0.83 -1.18
N VAL A 181 5.97 -0.17 -0.84
CA VAL A 181 4.99 0.31 -1.79
C VAL A 181 4.88 1.82 -1.64
N ARG A 182 5.02 2.51 -2.77
CA ARG A 182 4.81 3.94 -2.84
C ARG A 182 3.75 4.18 -3.91
N PHE A 183 2.77 5.01 -3.57
CA PHE A 183 1.65 5.26 -4.48
C PHE A 183 1.24 6.72 -4.51
N TRP A 184 0.83 7.14 -5.70
CA TRP A 184 0.45 8.50 -6.02
C TRP A 184 -1.06 8.42 -6.32
N PRO A 185 -1.92 8.82 -5.38
CA PRO A 185 -3.37 8.65 -5.70
C PRO A 185 -3.86 9.48 -6.88
N SER A 186 -4.77 8.91 -7.67
CA SER A 186 -5.24 9.53 -8.85
C SER A 186 -6.25 10.61 -8.50
N LEU A 187 -6.03 11.79 -9.04
CA LEU A 187 -7.02 12.89 -8.90
C LEU A 187 -8.18 12.72 -9.88
N GLU A 188 -8.13 11.71 -10.74
CA GLU A 188 -9.32 11.30 -11.49
C GLU A 188 -10.32 10.60 -10.55
N THR A 189 -9.87 10.10 -9.41
CA THR A 189 -10.75 9.42 -8.42
C THR A 189 -11.08 10.30 -7.20
N PHE A 190 -10.06 10.90 -6.60
CA PHE A 190 -10.20 11.60 -5.33
C PHE A 190 -10.43 13.09 -5.56
N THR A 191 -11.42 13.66 -4.90
CA THR A 191 -11.71 15.07 -5.06
C THR A 191 -11.91 15.63 -3.69
N ASN A 192 -11.83 16.97 -3.59
CA ASN A 192 -11.99 17.71 -2.34
C ASN A 192 -10.89 17.50 -1.29
N VAL A 193 -10.88 16.39 -0.61
CA VAL A 193 -9.77 16.05 0.25
C VAL A 193 -8.84 15.24 -0.65
N THR A 194 -7.79 15.89 -1.13
CA THR A 194 -6.82 15.27 -2.01
C THR A 194 -5.44 15.12 -1.38
N GLU A 195 -5.18 15.81 -0.27
CA GLU A 195 -3.89 15.74 0.36
C GLU A 195 -4.00 15.02 1.71
N PHE A 196 -3.06 14.15 2.02
CA PHE A 196 -3.10 13.43 3.26
C PHE A 196 -3.05 14.37 4.50
N GLU A 197 -3.86 14.03 5.49
CA GLU A 197 -3.92 14.69 6.77
C GLU A 197 -3.07 13.92 7.72
N TYR A 198 -1.99 14.54 8.15
CA TYR A 198 -1.12 13.91 9.12
C TYR A 198 -1.89 13.31 10.29
N GLU A 199 -2.81 14.09 10.83
CA GLU A 199 -3.52 13.67 12.05
C GLU A 199 -4.37 12.45 11.87
N ILE A 200 -4.96 12.26 10.67
CA ILE A 200 -5.76 11.07 10.40
C ILE A 200 -4.86 9.82 10.42
N LEU A 201 -3.72 9.95 9.76
CA LEU A 201 -2.78 8.85 9.67
C LEU A 201 -2.17 8.58 11.03
N ALA A 202 -1.81 9.62 11.78
CA ALA A 202 -1.24 9.43 13.12
C ALA A 202 -2.22 8.71 14.05
N LYS A 203 -3.46 9.15 14.06
CA LYS A 203 -4.46 8.61 14.96
C LYS A 203 -4.62 7.10 14.66
N ARG A 204 -4.80 6.77 13.40
CA ARG A 204 -5.08 5.38 13.03
C ARG A 204 -3.83 4.50 13.10
N LEU A 205 -2.67 5.03 12.76
CA LEU A 205 -1.45 4.23 12.90
C LEU A 205 -1.16 3.92 14.37
N ARG A 206 -1.42 4.88 15.25
N ARG A 206 -1.43 4.88 15.25
CA ARG A 206 -1.26 4.63 16.68
CA ARG A 206 -1.24 4.62 16.66
C ARG A 206 -2.20 3.51 17.13
C ARG A 206 -2.20 3.51 17.12
N GLU A 207 -3.45 3.58 16.69
CA GLU A 207 -4.45 2.55 17.01
C GLU A 207 -4.01 1.17 16.49
N LEU A 208 -3.42 1.17 15.31
CA LEU A 208 -2.97 -0.10 14.70
C LEU A 208 -1.80 -0.72 15.47
N SER A 209 -0.89 0.12 15.97
N SER A 209 -0.87 0.12 15.92
CA SER A 209 0.23 -0.37 16.80
CA SER A 209 0.19 -0.40 16.78
C SER A 209 -0.22 -0.79 18.21
C SER A 209 -0.41 -0.99 18.03
N PHE A 210 -1.37 -0.29 18.63
CA PHE A 210 -2.02 -0.74 19.87
C PHE A 210 -2.74 -2.07 19.66
N LEU A 211 -3.48 -2.14 18.58
CA LEU A 211 -4.23 -3.34 18.23
C LEU A 211 -3.39 -4.53 17.74
N ASN A 212 -2.08 -4.34 17.54
CA ASN A 212 -1.18 -5.38 17.04
C ASN A 212 0.14 -5.23 17.79
N SER A 213 0.02 -5.34 19.11
CA SER A 213 1.08 -5.04 20.07
C SER A 213 2.41 -5.75 19.76
N GLY A 214 3.51 -5.03 19.96
CA GLY A 214 4.86 -5.50 19.57
C GLY A 214 5.38 -4.86 18.29
N VAL A 215 4.48 -4.53 17.35
CA VAL A 215 4.84 -3.90 16.08
C VAL A 215 5.07 -2.39 16.17
N SER A 216 6.25 -1.98 15.73
CA SER A 216 6.66 -0.59 15.76
C SER A 216 6.19 0.05 14.48
N ILE A 217 5.50 1.18 14.58
CA ILE A 217 5.13 1.93 13.38
C ILE A 217 5.66 3.33 13.48
N ARG A 218 6.35 3.76 12.44
CA ARG A 218 6.83 5.14 12.39
C ARG A 218 6.09 5.87 11.29
N LEU A 219 5.77 7.13 11.57
CA LEU A 219 5.16 8.02 10.62
C LEU A 219 6.06 9.26 10.44
N ARG A 220 6.37 9.57 9.19
CA ARG A 220 7.24 10.70 8.82
C ARG A 220 6.52 11.55 7.78
N ASP A 221 6.40 12.84 8.03
CA ASP A 221 5.84 13.76 7.05
C ASP A 221 6.96 14.64 6.51
N LYS A 222 7.29 14.45 5.22
CA LYS A 222 8.37 15.21 4.56
C LYS A 222 7.92 16.61 4.21
N ARG A 223 6.61 16.87 4.25
CA ARG A 223 6.11 18.24 3.96
C ARG A 223 6.42 19.22 5.10
N ASP A 224 6.38 18.74 6.33
CA ASP A 224 6.59 19.64 7.45
C ASP A 224 7.52 19.10 8.52
N GLY A 225 8.24 18.03 8.23
CA GLY A 225 9.21 17.48 9.19
C GLY A 225 8.64 16.75 10.40
N LYS A 226 7.33 16.54 10.50
CA LYS A 226 6.80 15.84 11.68
C LYS A 226 7.13 14.38 11.61
N GLU A 227 7.37 13.76 12.77
CA GLU A 227 7.52 12.31 12.86
C GLU A 227 6.90 11.80 14.15
N ASP A 228 6.52 10.53 14.17
CA ASP A 228 6.04 9.88 15.39
C ASP A 228 6.47 8.42 15.33
N HIS A 229 6.52 7.79 16.48
CA HIS A 229 6.88 6.38 16.58
C HIS A 229 5.85 5.73 17.52
N PHE A 230 5.04 4.84 17.00
CA PHE A 230 4.00 4.21 17.80
C PHE A 230 4.41 2.79 18.06
N HIS A 231 4.50 2.41 19.34
N HIS A 231 4.54 2.42 19.34
CA HIS A 231 4.89 1.06 19.71
CA HIS A 231 4.95 1.08 19.75
C HIS A 231 4.46 0.73 21.12
C HIS A 231 4.29 0.83 21.10
N TYR A 232 3.68 -0.34 21.24
CA TYR A 232 3.22 -0.80 22.55
C TYR A 232 3.91 -2.13 22.86
N GLU A 233 4.53 -2.20 24.02
CA GLU A 233 5.36 -3.33 24.35
C GLU A 233 4.51 -4.25 25.18
#